data_8SX0
#
_entry.id   8SX0
#
_cell.length_a   23.060
_cell.length_b   46.576
_cell.length_c   75.987
_cell.angle_alpha   90.000
_cell.angle_beta   91.690
_cell.angle_gamma   90.000
#
_symmetry.space_group_name_H-M   'P 1 21 1'
#
loop_
_entity.id
_entity.type
_entity.pdbx_description
1 polymer 'Filamentous hemagglutinin'
2 non-polymer 'PHOSPHATE ION'
3 non-polymer 'CALCIUM ION'
4 non-polymer GLYCEROL
5 water water
#
_entity_poly.entity_id   1
_entity_poly.type   'polypeptide(L)'
_entity_poly.pdbx_seq_one_letter_code
;(MSE)AKSHHHHHHTSPLSGRHVVQQQVQVLQRQASDINNTKSLPGGKLPKPVTVKLTDENGKPQTYTINRREDL(MSE)
KLNGKVLSTKTTLGLEQTFRLRVEDIGGKNYRVFYETNK
;
_entity_poly.pdbx_strand_id   A,B
#
loop_
_chem_comp.id
_chem_comp.type
_chem_comp.name
_chem_comp.formula
CA non-polymer 'CALCIUM ION' 'Ca 2'
GOL non-polymer GLYCEROL 'C3 H8 O3'
PO4 non-polymer 'PHOSPHATE ION' 'O4 P -3'
#
# COMPACT_ATOMS: atom_id res chain seq x y z
N GLY A 16 14.24 8.19 0.33
CA GLY A 16 14.21 6.82 -0.12
C GLY A 16 14.45 5.82 0.99
N ARG A 17 13.54 5.79 1.96
CA ARG A 17 13.61 4.84 3.07
C ARG A 17 12.41 3.92 3.01
N HIS A 18 12.64 2.62 3.18
CA HIS A 18 11.55 1.67 3.24
C HIS A 18 10.81 1.84 4.58
N VAL A 19 9.54 2.20 4.52
CA VAL A 19 8.73 2.40 5.74
C VAL A 19 8.39 1.02 6.30
N VAL A 20 8.97 0.69 7.45
CA VAL A 20 8.63 -0.56 8.13
C VAL A 20 7.74 -0.33 9.34
N GLN A 21 7.55 0.91 9.75
CA GLN A 21 6.80 1.20 10.97
CA GLN A 21 6.80 1.20 10.97
C GLN A 21 5.31 0.94 10.77
N GLN A 22 4.74 0.10 11.64
CA GLN A 22 3.33 -0.28 11.53
C GLN A 22 2.41 0.92 11.32
N GLN A 23 2.50 1.92 12.20
CA GLN A 23 1.53 3.00 12.17
C GLN A 23 1.53 3.69 10.81
N VAL A 24 2.72 3.89 10.25
CA VAL A 24 2.83 4.55 8.96
C VAL A 24 2.32 3.64 7.86
N GLN A 25 2.65 2.36 7.93
CA GLN A 25 2.15 1.41 6.94
C GLN A 25 0.64 1.42 6.89
N VAL A 26 -0.03 1.47 8.05
CA VAL A 26 -1.49 1.49 8.05
C VAL A 26 -1.99 2.79 7.41
N LEU A 27 -1.36 3.91 7.75
CA LEU A 27 -1.80 5.19 7.17
C LEU A 27 -1.58 5.20 5.65
N GLN A 28 -0.49 4.59 5.18
CA GLN A 28 -0.26 4.52 3.75
C GLN A 28 -1.40 3.78 3.05
N ARG A 29 -1.83 2.67 3.63
CA ARG A 29 -2.94 1.93 3.08
C ARG A 29 -4.22 2.76 3.11
N GLN A 30 -4.45 3.47 4.21
CA GLN A 30 -5.66 4.27 4.32
C GLN A 30 -5.66 5.38 3.27
N ALA A 31 -4.51 6.02 3.05
CA ALA A 31 -4.43 7.04 2.02
C ALA A 31 -4.76 6.44 0.67
N SER A 32 -4.22 5.25 0.39
CA SER A 32 -4.55 4.59 -0.87
C SER A 32 -6.04 4.29 -0.94
N ASP A 33 -6.63 3.87 0.18
CA ASP A 33 -8.07 3.61 0.24
C ASP A 33 -8.86 4.87 -0.10
N ILE A 34 -8.48 5.98 0.52
CA ILE A 34 -9.12 7.27 0.27
C ILE A 34 -8.95 7.68 -1.18
N ASN A 35 -7.74 7.53 -1.73
CA ASN A 35 -7.50 7.88 -3.13
C ASN A 35 -8.48 7.18 -4.05
N ASN A 36 -8.87 5.96 -3.70
CA ASN A 36 -9.78 5.17 -4.51
C ASN A 36 -11.24 5.31 -4.10
N THR A 37 -11.56 6.25 -3.21
CA THR A 37 -12.93 6.46 -2.74
C THR A 37 -13.48 7.73 -3.37
N LYS A 38 -14.68 7.64 -3.92
CA LYS A 38 -15.32 8.81 -4.50
C LYS A 38 -15.93 9.66 -3.40
N SER A 39 -15.78 10.97 -3.54
CA SER A 39 -16.40 11.89 -2.60
C SER A 39 -17.90 12.04 -2.91
N LEU A 40 -18.64 12.45 -1.88
CA LEU A 40 -20.01 12.89 -2.08
C LEU A 40 -20.01 14.33 -2.59
N PRO A 41 -21.12 14.78 -3.19
CA PRO A 41 -21.19 16.18 -3.59
C PRO A 41 -20.83 17.09 -2.42
N GLY A 42 -19.96 18.05 -2.67
CA GLY A 42 -19.49 18.92 -1.62
C GLY A 42 -18.16 18.51 -1.05
N GLY A 43 -17.66 17.33 -1.39
CA GLY A 43 -16.28 16.98 -1.18
C GLY A 43 -15.97 16.14 0.03
N LYS A 44 -16.96 15.76 0.82
CA LYS A 44 -16.72 14.89 1.96
C LYS A 44 -16.70 13.43 1.53
N LEU A 45 -15.87 12.65 2.22
CA LEU A 45 -15.89 11.21 2.04
C LEU A 45 -17.20 10.63 2.54
N PRO A 46 -17.66 9.52 1.95
CA PRO A 46 -18.95 8.96 2.38
C PRO A 46 -18.96 8.56 3.85
N LYS A 47 -17.81 8.13 4.38
CA LYS A 47 -17.64 7.75 5.77
C LYS A 47 -16.27 8.31 6.17
N PRO A 48 -16.16 9.03 7.28
CA PRO A 48 -14.84 9.50 7.71
C PRO A 48 -13.91 8.33 8.00
N VAL A 49 -12.61 8.58 7.82
CA VAL A 49 -11.57 7.60 8.09
C VAL A 49 -10.86 8.03 9.35
N THR A 50 -10.69 7.10 10.28
CA THR A 50 -10.00 7.37 11.54
C THR A 50 -8.54 6.92 11.44
N VAL A 51 -7.62 7.85 11.67
CA VAL A 51 -6.19 7.56 11.61
C VAL A 51 -5.64 7.53 13.02
N LYS A 52 -4.75 6.56 13.28
CA LYS A 52 -4.18 6.33 14.61
C LYS A 52 -2.68 6.55 14.53
N LEU A 53 -2.18 7.48 15.34
CA LEU A 53 -0.76 7.74 15.42
C LEU A 53 -0.36 7.88 16.88
N THR A 54 0.95 7.92 17.10
CA THR A 54 1.54 8.19 18.41
C THR A 54 2.43 9.41 18.23
N ASP A 55 2.20 10.45 19.06
CA ASP A 55 2.90 11.70 18.84
C ASP A 55 4.27 11.69 19.52
N GLU A 56 5.00 12.81 19.37
CA GLU A 56 6.39 12.86 19.78
C GLU A 56 6.54 12.60 21.28
N ASN A 57 5.53 12.97 22.08
CA ASN A 57 5.58 12.73 23.51
C ASN A 57 5.19 11.30 23.87
N GLY A 58 4.94 10.45 22.88
CA GLY A 58 4.57 9.07 23.15
C GLY A 58 3.11 8.83 23.44
N LYS A 59 2.24 9.82 23.24
CA LYS A 59 0.82 9.62 23.53
C LYS A 59 0.07 9.13 22.29
N PRO A 60 -0.83 8.17 22.44
CA PRO A 60 -1.69 7.80 21.31
C PRO A 60 -2.56 8.96 20.90
N GLN A 61 -2.71 9.14 19.59
CA GLN A 61 -3.62 10.14 19.06
C GLN A 61 -4.45 9.47 17.96
N THR A 62 -5.73 9.87 17.85
CA THR A 62 -6.55 9.52 16.71
C THR A 62 -7.01 10.79 16.03
N TYR A 63 -7.14 10.75 14.71
CA TYR A 63 -7.62 11.89 13.93
C TYR A 63 -8.69 11.42 12.96
N THR A 64 -9.65 12.30 12.70
CA THR A 64 -10.76 12.03 11.80
C THR A 64 -10.52 12.72 10.47
N ILE A 65 -10.49 11.94 9.39
CA ILE A 65 -10.32 12.44 8.04
C ILE A 65 -11.72 12.50 7.43
N ASN A 66 -12.27 13.71 7.32
CA ASN A 66 -13.59 13.88 6.71
C ASN A 66 -13.58 14.13 5.23
N ARG A 67 -12.53 14.77 4.74
CA ARG A 67 -12.32 15.10 3.30
CA ARG A 67 -12.31 15.10 3.31
C ARG A 67 -10.96 14.56 2.95
N ARG A 68 -10.73 14.21 1.68
CA ARG A 68 -9.45 13.65 1.30
C ARG A 68 -8.28 14.61 1.62
N GLU A 69 -8.49 15.92 1.39
CA GLU A 69 -7.41 16.87 1.61
C GLU A 69 -7.03 17.00 3.08
N ASP A 70 -7.88 16.54 3.99
CA ASP A 70 -7.53 16.52 5.41
C ASP A 70 -6.23 15.76 5.63
N LEU A 71 -5.93 14.79 4.77
CA LEU A 71 -4.68 14.05 4.93
C LEU A 71 -3.47 14.98 4.92
N MSE A 72 -3.53 16.08 4.18
CA MSE A 72 -2.41 17.02 4.14
C MSE A 72 -2.12 17.66 5.51
O MSE A 72 -1.02 18.12 5.75
CB MSE A 72 -2.68 18.13 3.12
CG MSE A 72 -2.33 17.88 1.68
SE MSE A 72 -0.74 16.84 1.24
CE MSE A 72 0.60 18.24 1.55
H MSE A 72 -4.21 16.31 3.69
HA MSE A 72 -1.63 16.51 3.86
HB2 MSE A 72 -3.64 18.32 3.14
HB3 MSE A 72 -2.19 18.91 3.41
HG2 MSE A 72 -3.08 17.42 1.26
HG3 MSE A 72 -2.22 18.76 1.25
HE1 MSE A 72 1.48 17.91 1.27
HE2 MSE A 72 0.37 19.02 1.04
HE3 MSE A 72 0.63 18.44 2.50
N MET A 72 -3.53 16.09 4.18
CA MET A 72 -2.37 16.98 4.15
C MET A 72 -2.13 17.67 5.50
N LYS A 73 -3.11 17.69 6.41
CA LYS A 73 -2.86 18.27 7.72
C LYS A 73 -1.89 17.44 8.54
N LEU A 74 -1.69 16.17 8.19
CA LEU A 74 -0.72 15.32 8.88
C LEU A 74 0.71 15.54 8.41
N ASN A 75 0.89 16.22 7.28
CA ASN A 75 2.22 16.43 6.75
C ASN A 75 3.05 17.22 7.74
N GLY A 76 4.23 16.69 8.05
CA GLY A 76 5.16 17.34 8.95
C GLY A 76 5.00 16.96 10.40
N LYS A 77 3.98 16.17 10.75
CA LYS A 77 3.75 15.78 12.15
C LYS A 77 4.86 14.84 12.61
N VAL A 78 5.41 15.11 13.77
CA VAL A 78 6.42 14.25 14.36
C VAL A 78 5.71 13.12 15.10
N LEU A 79 6.10 11.88 14.80
CA LEU A 79 5.51 10.70 15.37
C LEU A 79 6.57 9.93 16.13
N SER A 80 6.12 9.12 17.09
CA SER A 80 6.99 8.16 17.78
C SER A 80 6.53 6.77 17.41
N THR A 81 7.49 5.93 17.05
CA THR A 81 7.23 4.53 16.73
C THR A 81 8.13 3.67 17.61
N LYS A 82 7.72 2.41 17.79
CA LYS A 82 8.52 1.46 18.55
C LYS A 82 9.10 0.42 17.60
N THR A 83 10.39 0.19 17.68
CA THR A 83 11.03 -0.90 16.97
C THR A 83 10.67 -2.24 17.61
N THR A 84 11.02 -3.32 16.92
CA THR A 84 10.75 -4.65 17.45
C THR A 84 11.64 -4.97 18.65
N LEU A 85 12.71 -4.19 18.85
CA LEU A 85 13.59 -4.33 20.01
C LEU A 85 13.07 -3.57 21.23
N GLY A 86 12.01 -2.77 21.07
CA GLY A 86 11.42 -2.06 22.17
C GLY A 86 11.91 -0.65 22.36
N LEU A 87 12.73 -0.14 21.44
CA LEU A 87 13.20 1.23 21.52
C LEU A 87 12.28 2.14 20.72
N GLU A 88 11.94 3.28 21.32
CA GLU A 88 11.19 4.30 20.60
C GLU A 88 12.07 4.97 19.54
N GLN A 89 11.47 5.29 18.41
CA GLN A 89 12.08 6.09 17.37
C GLN A 89 11.11 7.19 16.97
N THR A 90 11.61 8.41 16.81
CA THR A 90 10.79 9.51 16.28
C THR A 90 11.06 9.73 14.81
N PHE A 91 10.01 10.09 14.08
CA PHE A 91 10.07 10.32 12.65
C PHE A 91 9.21 11.54 12.34
N ARG A 92 9.45 12.14 11.18
CA ARG A 92 8.58 13.20 10.69
C ARG A 92 7.72 12.60 9.59
N LEU A 93 6.42 12.69 9.73
CA LEU A 93 5.51 12.18 8.72
C LEU A 93 5.47 13.13 7.54
N ARG A 94 5.37 12.58 6.35
CA ARG A 94 5.26 13.35 5.13
CA ARG A 94 5.26 13.35 5.13
C ARG A 94 4.04 12.89 4.35
N VAL A 95 3.24 13.84 3.87
CA VAL A 95 2.12 13.53 3.00
C VAL A 95 2.24 14.45 1.78
N GLU A 96 2.08 13.88 0.59
CA GLU A 96 2.26 14.64 -0.64
C GLU A 96 1.12 14.38 -1.59
N ASP A 97 0.75 15.41 -2.34
CA ASP A 97 -0.22 15.32 -3.44
C ASP A 97 0.57 15.16 -4.72
N ILE A 98 0.50 13.96 -5.32
CA ILE A 98 1.26 13.72 -6.54
C ILE A 98 0.54 14.23 -7.78
N GLY A 99 -0.72 14.64 -7.62
CA GLY A 99 -1.52 15.08 -8.74
C GLY A 99 -2.99 14.78 -8.57
N GLY A 100 -3.84 15.78 -8.74
CA GLY A 100 -5.27 15.54 -8.70
C GLY A 100 -5.80 15.10 -7.36
N LYS A 101 -5.21 15.57 -6.28
CA LYS A 101 -5.60 15.18 -4.92
C LYS A 101 -5.50 13.66 -4.73
N ASN A 102 -4.34 13.12 -5.08
CA ASN A 102 -4.00 11.74 -4.83
C ASN A 102 -2.77 11.76 -3.95
N TYR A 103 -2.91 11.19 -2.77
CA TYR A 103 -1.92 11.40 -1.73
C TYR A 103 -1.06 10.17 -1.49
N ARG A 104 0.14 10.44 -0.99
N ARG A 104 0.21 10.44 -1.17
CA ARG A 104 1.17 9.44 -0.76
CA ARG A 104 1.17 9.42 -0.77
C ARG A 104 1.83 9.78 0.57
C ARG A 104 1.73 9.79 0.61
N VAL A 105 2.02 8.79 1.42
CA VAL A 105 2.45 8.96 2.80
C VAL A 105 3.82 8.28 2.94
N PHE A 106 4.79 8.99 3.51
CA PHE A 106 6.13 8.46 3.78
C PHE A 106 6.67 9.19 5.01
N TYR A 107 7.92 8.89 5.38
N TYR A 107 7.92 8.93 5.37
CA TYR A 107 8.54 9.54 6.53
CA TYR A 107 8.49 9.69 6.46
C TYR A 107 9.94 10.03 6.17
C TYR A 107 9.92 10.08 6.13
N GLU A 108 10.45 10.94 7.00
CA GLU A 108 11.80 11.46 6.91
C GLU A 108 12.30 11.52 8.36
N THR A 109 13.60 11.37 8.52
CA THR A 109 14.12 11.39 9.87
C THR A 109 13.87 12.74 10.51
N ASN A 110 13.75 12.74 11.81
CA ASN A 110 13.44 13.91 12.58
C ASN A 110 14.69 14.55 13.18
N LYS A 111 15.65 13.72 13.60
CA LYS A 111 16.88 14.18 14.23
C LYS A 111 18.04 13.35 13.67
N GLY B 16 -18.43 -18.02 0.75
CA GLY B 16 -19.42 -16.98 0.99
C GLY B 16 -19.02 -15.65 0.39
N ARG B 17 -18.34 -14.83 1.20
CA ARG B 17 -17.87 -13.53 0.73
C ARG B 17 -16.71 -13.73 -0.24
N HIS B 18 -16.82 -13.15 -1.41
CA HIS B 18 -15.77 -13.17 -2.42
C HIS B 18 -15.57 -11.75 -2.92
N VAL B 19 -14.32 -11.28 -2.90
CA VAL B 19 -14.05 -9.91 -3.31
C VAL B 19 -12.97 -9.84 -4.38
N VAL B 20 -12.03 -10.78 -4.35
CA VAL B 20 -10.91 -10.77 -5.31
C VAL B 20 -10.63 -12.17 -5.80
N GLN B 21 -10.12 -12.26 -7.03
CA GLN B 21 -9.77 -13.54 -7.60
C GLN B 21 -8.65 -14.20 -6.81
N GLN B 22 -8.55 -15.53 -6.96
CA GLN B 22 -7.54 -16.33 -6.26
C GLN B 22 -6.14 -15.75 -6.45
N GLN B 23 -5.70 -15.63 -7.70
CA GLN B 23 -4.30 -15.31 -7.93
C GLN B 23 -3.97 -13.89 -7.50
N VAL B 24 -4.94 -12.97 -7.54
CA VAL B 24 -4.68 -11.62 -7.05
C VAL B 24 -4.58 -11.59 -5.54
N GLN B 25 -5.45 -12.34 -4.86
CA GLN B 25 -5.37 -12.38 -3.40
C GLN B 25 -4.05 -12.96 -2.94
N VAL B 26 -3.54 -13.97 -3.64
CA VAL B 26 -2.24 -14.52 -3.24
C VAL B 26 -1.16 -13.45 -3.38
N LEU B 27 -1.20 -12.70 -4.47
CA LEU B 27 -0.18 -11.67 -4.71
C LEU B 27 -0.33 -10.52 -3.73
N GLN B 28 -1.56 -10.20 -3.33
CA GLN B 28 -1.76 -9.18 -2.31
C GLN B 28 -1.09 -9.60 -0.99
N ARG B 29 -1.27 -10.87 -0.60
CA ARG B 29 -0.64 -11.40 0.59
C ARG B 29 0.88 -11.37 0.47
N GLN B 30 1.38 -11.75 -0.71
CA GLN B 30 2.82 -11.76 -0.90
C GLN B 30 3.40 -10.36 -0.86
N ALA B 31 2.69 -9.42 -1.46
CA ALA B 31 3.11 -8.02 -1.37
C ALA B 31 3.20 -7.53 0.05
N SER B 32 2.19 -7.88 0.85
CA SER B 32 2.16 -7.47 2.25
CA SER B 32 2.16 -7.46 2.25
C SER B 32 3.31 -8.07 2.99
N ASP B 33 3.61 -9.36 2.72
CA ASP B 33 4.75 -10.03 3.35
C ASP B 33 6.07 -9.32 3.01
N ILE B 34 6.23 -8.96 1.74
CA ILE B 34 7.41 -8.25 1.29
C ILE B 34 7.48 -6.87 1.97
N ASN B 35 6.36 -6.17 2.07
CA ASN B 35 6.35 -4.87 2.74
C ASN B 35 6.83 -4.96 4.19
N ASN B 36 6.57 -6.09 4.84
CA ASN B 36 6.96 -6.31 6.23
C ASN B 36 8.31 -7.02 6.39
N THR B 37 9.04 -7.21 5.31
CA THR B 37 10.35 -7.83 5.31
C THR B 37 11.43 -6.75 5.21
N LYS B 38 12.48 -6.91 5.99
CA LYS B 38 13.64 -6.03 5.89
C LYS B 38 14.59 -6.55 4.83
N SER B 39 15.16 -5.61 4.07
CA SER B 39 16.11 -5.98 3.05
C SER B 39 17.46 -6.33 3.67
N LEU B 40 18.21 -7.16 2.97
CA LEU B 40 19.63 -7.36 3.27
C LEU B 40 20.44 -6.13 2.88
N PRO B 41 21.64 -5.99 3.41
CA PRO B 41 22.53 -4.94 2.90
C PRO B 41 22.70 -5.09 1.40
N GLY B 42 22.55 -3.98 0.69
CA GLY B 42 22.58 -3.99 -0.75
C GLY B 42 21.21 -3.99 -1.40
N GLY B 43 20.16 -4.32 -0.63
CA GLY B 43 18.80 -4.13 -1.09
C GLY B 43 18.05 -5.37 -1.52
N LYS B 44 18.70 -6.53 -1.54
CA LYS B 44 18.03 -7.77 -1.90
C LYS B 44 17.10 -8.22 -0.79
N LEU B 45 16.01 -8.89 -1.15
CA LEU B 45 15.18 -9.54 -0.15
C LEU B 45 15.93 -10.75 0.43
N PRO B 46 15.73 -11.04 1.71
CA PRO B 46 16.44 -12.20 2.29
C PRO B 46 16.16 -13.49 1.55
N LYS B 47 14.94 -13.67 1.03
CA LYS B 47 14.57 -14.81 0.22
C LYS B 47 13.79 -14.31 -0.98
N PRO B 48 14.18 -14.69 -2.20
CA PRO B 48 13.37 -14.35 -3.37
C PRO B 48 11.96 -14.91 -3.23
N VAL B 49 10.99 -14.15 -3.73
CA VAL B 49 9.58 -14.55 -3.69
C VAL B 49 9.14 -14.97 -5.08
N THR B 50 8.49 -16.12 -5.17
CA THR B 50 7.99 -16.64 -6.43
C THR B 50 6.50 -16.27 -6.57
N VAL B 51 6.19 -15.48 -7.60
CA VAL B 51 4.83 -15.10 -7.92
C VAL B 51 4.35 -15.98 -9.04
N LYS B 52 3.11 -16.44 -8.95
CA LYS B 52 2.48 -17.31 -9.92
C LYS B 52 1.25 -16.60 -10.47
N LEU B 53 1.19 -16.48 -11.79
CA LEU B 53 0.06 -15.85 -12.45
C LEU B 53 -0.24 -16.59 -13.72
N THR B 54 -1.48 -16.48 -14.18
CA THR B 54 -1.91 -17.04 -15.47
C THR B 54 -2.12 -15.88 -16.43
N ASP B 55 -1.40 -15.90 -17.56
CA ASP B 55 -1.34 -14.72 -18.41
C ASP B 55 -2.59 -14.63 -19.30
N GLU B 56 -2.58 -13.66 -20.21
CA GLU B 56 -3.76 -13.38 -21.04
C GLU B 56 -4.07 -14.52 -22.00
N ASN B 57 -3.09 -15.38 -22.31
CA ASN B 57 -3.35 -16.52 -23.18
C ASN B 57 -3.71 -17.78 -22.38
N GLY B 58 -3.90 -17.67 -21.07
CA GLY B 58 -4.25 -18.81 -20.26
C GLY B 58 -3.09 -19.65 -19.80
N LYS B 59 -1.87 -19.15 -19.92
CA LYS B 59 -0.65 -19.89 -19.69
C LYS B 59 -0.12 -19.63 -18.30
N PRO B 60 0.07 -20.65 -17.46
CA PRO B 60 0.68 -20.42 -16.13
C PRO B 60 2.10 -19.86 -16.26
N GLN B 61 2.38 -18.79 -15.53
CA GLN B 61 3.71 -18.22 -15.46
C GLN B 61 4.17 -18.12 -14.02
N THR B 62 5.48 -18.18 -13.83
CA THR B 62 6.09 -17.86 -12.54
C THR B 62 7.17 -16.81 -12.74
N TYR B 63 7.31 -15.93 -11.75
CA TYR B 63 8.28 -14.85 -11.78
C TYR B 63 8.97 -14.76 -10.44
N THR B 64 10.22 -14.34 -10.46
CA THR B 64 11.03 -14.22 -9.25
C THR B 64 11.14 -12.76 -8.84
N ILE B 65 10.78 -12.49 -7.58
CA ILE B 65 10.90 -11.16 -6.99
C ILE B 65 12.13 -11.21 -6.09
N ASN B 66 13.22 -10.59 -6.56
CA ASN B 66 14.49 -10.56 -5.85
C ASN B 66 14.66 -9.32 -4.99
N ARG B 67 14.07 -8.23 -5.42
CA ARG B 67 14.08 -6.95 -4.73
C ARG B 67 12.64 -6.50 -4.66
N ARG B 68 12.28 -5.79 -3.60
CA ARG B 68 10.87 -5.42 -3.44
C ARG B 68 10.36 -4.62 -4.63
N GLU B 69 11.21 -3.79 -5.23
CA GLU B 69 10.76 -2.96 -6.34
C GLU B 69 10.42 -3.77 -7.56
N ASP B 70 10.89 -5.02 -7.65
CA ASP B 70 10.50 -5.89 -8.76
C ASP B 70 8.99 -6.08 -8.86
N LEU B 71 8.25 -5.88 -7.75
CA LEU B 71 6.81 -6.00 -7.82
C LEU B 71 6.21 -5.04 -8.84
N MSE B 72 6.81 -3.87 -8.99
CA MSE B 72 6.30 -2.90 -9.95
C MSE B 72 6.30 -3.44 -11.37
O MSE B 72 5.53 -2.96 -12.21
CB MSE B 72 7.10 -1.60 -9.87
CG MSE B 72 6.81 -0.70 -8.72
SE MSE B 72 4.90 -0.33 -8.48
CE MSE B 72 4.55 0.50 -10.20
H MSE B 72 7.52 -3.61 -8.56
HA MSE B 72 5.38 -2.72 -9.70
HB2 MSE B 72 8.03 -1.83 -9.83
HB3 MSE B 72 6.92 -1.10 -10.68
HG2 MSE B 72 7.14 -1.11 -7.90
HG3 MSE B 72 7.26 0.15 -8.86
HE1 MSE B 72 3.61 0.77 -10.24
HE2 MSE B 72 5.11 1.28 -10.30
HE3 MSE B 72 4.73 -0.14 -10.91
N MET B 72 6.82 -3.86 -8.99
CA MET B 72 6.26 -2.90 -9.94
C MET B 72 6.32 -3.42 -11.37
N LYS B 73 7.19 -4.39 -11.67
CA LYS B 73 7.27 -4.92 -13.02
C LYS B 73 6.02 -5.72 -13.40
N LEU B 74 5.19 -6.10 -12.42
CA LEU B 74 3.91 -6.75 -12.68
C LEU B 74 2.78 -5.77 -12.97
N ASN B 75 3.00 -4.48 -12.73
CA ASN B 75 1.95 -3.49 -12.94
C ASN B 75 1.56 -3.46 -14.41
N GLY B 76 0.26 -3.61 -14.65
CA GLY B 76 -0.30 -3.56 -15.99
C GLY B 76 -0.44 -4.90 -16.69
N LYS B 77 0.09 -5.98 -16.13
CA LYS B 77 0.02 -7.29 -16.78
C LYS B 77 -1.42 -7.76 -16.87
N VAL B 78 -1.78 -8.29 -18.03
CA VAL B 78 -3.12 -8.81 -18.25
C VAL B 78 -3.14 -10.26 -17.80
N LEU B 79 -4.16 -10.62 -17.03
CA LEU B 79 -4.30 -11.96 -16.48
C LEU B 79 -5.62 -12.57 -16.90
N SER B 80 -5.68 -13.90 -16.86
CA SER B 80 -6.88 -14.67 -17.19
C SER B 80 -7.20 -15.60 -16.04
N THR B 81 -8.46 -15.58 -15.60
CA THR B 81 -8.90 -16.35 -14.44
C THR B 81 -10.21 -17.04 -14.75
N LYS B 82 -10.42 -18.21 -14.14
CA LYS B 82 -11.69 -18.91 -14.18
C LYS B 82 -12.34 -18.79 -12.81
N THR B 83 -13.48 -18.12 -12.74
CA THR B 83 -14.11 -17.79 -11.49
C THR B 83 -14.77 -19.02 -10.85
N THR B 84 -15.22 -18.84 -9.60
CA THR B 84 -15.87 -19.93 -8.88
C THR B 84 -17.09 -20.44 -9.63
N LEU B 85 -17.77 -19.56 -10.36
CA LEU B 85 -18.94 -19.93 -11.13
C LEU B 85 -18.62 -20.43 -12.53
N GLY B 86 -17.34 -20.60 -12.85
CA GLY B 86 -16.94 -21.33 -14.03
C GLY B 86 -16.78 -20.49 -15.28
N LEU B 87 -16.82 -19.18 -15.16
CA LEU B 87 -16.70 -18.29 -16.30
C LEU B 87 -15.31 -17.69 -16.35
N GLU B 88 -14.73 -17.67 -17.54
CA GLU B 88 -13.43 -17.07 -17.75
C GLU B 88 -13.56 -15.54 -17.66
N GLN B 89 -12.50 -14.91 -17.16
CA GLN B 89 -12.51 -13.48 -16.95
C GLN B 89 -11.10 -13.00 -17.23
N THR B 90 -10.98 -11.89 -17.93
CA THR B 90 -9.69 -11.26 -18.21
C THR B 90 -9.64 -9.90 -17.53
N PHE B 91 -8.50 -9.59 -16.93
CA PHE B 91 -8.38 -8.34 -16.22
C PHE B 91 -6.92 -7.90 -16.17
N ARG B 92 -6.72 -6.68 -15.68
CA ARG B 92 -5.40 -6.05 -15.58
C ARG B 92 -4.96 -5.99 -14.12
N LEU B 93 -3.73 -6.43 -13.87
CA LEU B 93 -3.16 -6.31 -12.53
C LEU B 93 -2.61 -4.90 -12.36
N ARG B 94 -2.79 -4.35 -11.16
CA ARG B 94 -2.28 -3.06 -10.83
C ARG B 94 -1.39 -3.22 -9.59
N VAL B 95 -0.21 -2.60 -9.62
CA VAL B 95 0.68 -2.58 -8.46
C VAL B 95 1.08 -1.13 -8.23
N GLU B 96 0.86 -0.62 -7.03
CA GLU B 96 1.15 0.76 -6.73
C GLU B 96 2.15 0.86 -5.59
N ASP B 97 3.04 1.83 -5.71
CA ASP B 97 3.97 2.22 -4.66
C ASP B 97 3.22 3.24 -3.80
N ILE B 98 2.79 2.82 -2.61
CA ILE B 98 1.97 3.67 -1.75
C ILE B 98 2.86 4.45 -0.80
N GLY B 99 4.16 4.44 -1.03
CA GLY B 99 5.05 5.27 -0.23
C GLY B 99 6.11 4.46 0.48
N GLY B 100 7.32 5.00 0.56
CA GLY B 100 8.37 4.29 1.29
C GLY B 100 8.60 2.87 0.80
N LYS B 101 8.56 2.66 -0.51
CA LYS B 101 8.80 1.37 -1.16
C LYS B 101 7.92 0.26 -0.60
N ASN B 102 6.69 0.63 -0.27
CA ASN B 102 5.64 -0.33 0.09
C ASN B 102 4.62 -0.37 -1.06
N TYR B 103 4.11 -1.58 -1.33
CA TYR B 103 3.31 -1.80 -2.53
C TYR B 103 1.96 -2.38 -2.17
N ARG B 104 0.96 -2.01 -2.97
CA ARG B 104 -0.40 -2.51 -2.85
C ARG B 104 -0.80 -3.02 -4.22
N VAL B 105 -1.55 -4.13 -4.22
CA VAL B 105 -1.92 -4.83 -5.45
C VAL B 105 -3.45 -4.84 -5.58
N PHE B 106 -3.96 -4.47 -6.76
CA PHE B 106 -5.38 -4.41 -7.04
CA PHE B 106 -5.40 -4.61 -6.97
C PHE B 106 -5.60 -4.99 -8.43
N TYR B 107 -6.87 -5.20 -8.78
N TYR B 107 -6.85 -5.21 -8.82
CA TYR B 107 -7.15 -5.59 -10.16
CA TYR B 107 -7.10 -5.62 -10.18
C TYR B 107 -8.19 -4.65 -10.75
C TYR B 107 -8.18 -4.69 -10.74
N GLU B 108 -8.21 -4.57 -12.07
CA GLU B 108 -9.15 -3.70 -12.74
C GLU B 108 -9.55 -4.36 -14.04
N THR B 109 -10.74 -4.02 -14.50
CA THR B 109 -11.15 -4.48 -15.81
C THR B 109 -10.31 -3.78 -16.86
N ASN B 110 -10.25 -4.40 -18.03
CA ASN B 110 -9.60 -3.80 -19.18
C ASN B 110 -10.51 -3.82 -20.41
N LYS B 111 -11.80 -4.05 -20.19
CA LYS B 111 -12.80 -4.10 -21.25
C LYS B 111 -13.92 -3.13 -20.89
P PO4 C . -13.92 3.80 6.01
O1 PO4 C . -15.15 3.01 5.65
O2 PO4 C . -13.76 4.82 4.90
O3 PO4 C . -12.71 2.89 6.02
O4 PO4 C . -14.04 4.44 7.40
P PO4 D . -12.54 16.51 -2.98
O1 PO4 D . -13.01 15.11 -3.30
O2 PO4 D . -13.34 17.48 -3.81
O3 PO4 D . -11.08 16.62 -3.34
O4 PO4 D . -12.72 16.84 -1.51
CA CA E . -3.32 -2.41 6.95
P PO4 F . -8.69 -4.74 -3.87
O1 PO4 F . -8.40 -5.04 -5.34
O2 PO4 F . -9.88 -3.81 -3.80
O3 PO4 F . -7.52 -4.05 -3.20
O4 PO4 F . -8.99 -6.02 -3.16
C1 GOL G . 1.18 -3.58 3.03
O1 GOL G . 1.44 -4.46 4.07
C2 GOL G . 0.03 -2.78 3.54
O2 GOL G . 0.47 -1.98 4.61
C3 GOL G . -0.56 -1.95 2.45
O3 GOL G . -0.55 -2.70 1.28
H11 GOL G . 1.94 -3.00 2.82
H12 GOL G . 0.95 -4.02 2.20
HO1 GOL G . 1.39 -4.00 4.81
H2 GOL G . -0.67 -3.38 3.85
HO2 GOL G . 1.09 -1.45 4.30
H31 GOL G . -1.45 -1.68 2.70
H32 GOL G . -0.05 -1.12 2.37
HO3 GOL G . 0.09 -2.38 0.81
CA CA H . 14.71 -2.27 -0.27
#